data_9HAD
#
_entry.id   9HAD
#
_cell.length_a   52.580
_cell.length_b   65.440
_cell.length_c   72.225
_cell.angle_alpha   90.000
_cell.angle_beta   110.856
_cell.angle_gamma   90.000
#
_symmetry.space_group_name_H-M   'P 1 21 1'
#
loop_
_entity.id
_entity.type
_entity.pdbx_description
1 polymer 'Mite allergen Der f 21.0101'
2 polymer DerF21_binder10
3 water water
#
loop_
_entity_poly.entity_id
_entity_poly.type
_entity_poly.pdbx_seq_one_letter_code
_entity_poly.pdbx_strand_id
1 'polypeptide(L)'
;LVPRGSEDKWRNAFDHMLMEEFEEKMDQIEHGLLMLSEQYKELEKTKSKELKEQILRELTIAENYLRGALKFMQQEAKRT
DLNMFERYNFETAVSTIEILVKDLAELAKKVKAVKSDDGSHHHHH
;
A,B
2 'polypeptide(L)'
;MLPDEEKLKLLDTLLTMVEWVKELLEESVEKNSRMRHIRAVMWAEYMLEIARSLEDEKILEIAEKLEKALPEKSKMFTKE
EYEKLMEVLEELEEVLEEKKEEVEERIEGSHHHHH
;
C,D
#
# COMPACT_ATOMS: atom_id res chain seq x y z
N LEU A 1 -13.12 -14.67 -34.25
CA LEU A 1 -14.39 -15.16 -33.72
C LEU A 1 -14.90 -14.25 -32.61
N VAL A 2 -14.86 -14.75 -31.38
CA VAL A 2 -15.23 -13.94 -30.22
C VAL A 2 -14.30 -12.74 -30.15
N PRO A 3 -14.79 -11.53 -29.79
CA PRO A 3 -13.90 -10.36 -29.72
C PRO A 3 -12.80 -10.52 -28.67
N ARG A 4 -11.65 -11.02 -29.10
CA ARG A 4 -10.49 -11.10 -28.23
C ARG A 4 -9.81 -9.76 -28.07
N GLY A 5 -9.74 -8.98 -29.16
CA GLY A 5 -9.14 -7.67 -29.20
C GLY A 5 -7.66 -7.69 -28.85
N SER A 6 -7.15 -6.49 -28.56
CA SER A 6 -5.78 -6.34 -28.10
C SER A 6 -5.75 -6.23 -26.59
N GLU A 7 -4.78 -5.49 -26.05
CA GLU A 7 -4.57 -5.41 -24.61
C GLU A 7 -4.90 -4.04 -24.02
N ASP A 8 -5.45 -3.12 -24.81
CA ASP A 8 -5.92 -1.81 -24.36
C ASP A 8 -7.37 -1.70 -24.80
N LYS A 9 -8.32 -2.09 -23.94
CA LYS A 9 -9.70 -2.31 -24.38
C LYS A 9 -10.73 -1.73 -23.41
N TRP A 10 -10.53 -0.49 -22.96
CA TRP A 10 -11.58 0.18 -22.18
C TRP A 10 -12.77 0.54 -23.05
N ARG A 11 -12.53 1.27 -24.14
CA ARG A 11 -13.46 1.60 -25.23
C ARG A 11 -14.46 2.71 -24.91
N ASN A 12 -14.48 3.28 -23.70
CA ASN A 12 -15.48 4.31 -23.44
C ASN A 12 -15.06 5.16 -22.24
N ALA A 13 -14.90 6.47 -22.48
CA ALA A 13 -14.47 7.38 -21.43
C ALA A 13 -15.53 7.53 -20.34
N PHE A 14 -16.81 7.58 -20.72
CA PHE A 14 -17.87 7.71 -19.72
C PHE A 14 -17.90 6.52 -18.78
N ASP A 15 -17.91 5.31 -19.34
CA ASP A 15 -17.94 4.11 -18.51
C ASP A 15 -16.66 3.96 -17.69
N HIS A 16 -15.52 4.35 -18.27
CA HIS A 16 -14.26 4.27 -17.54
C HIS A 16 -14.26 5.21 -16.34
N MET A 17 -14.71 6.45 -16.54
CA MET A 17 -14.81 7.41 -15.44
C MET A 17 -15.78 6.92 -14.37
N LEU A 18 -16.92 6.38 -14.79
CA LEU A 18 -17.90 5.85 -13.84
C LEU A 18 -17.29 4.72 -13.01
N MET A 19 -16.62 3.78 -13.67
CA MET A 19 -16.02 2.66 -12.96
C MET A 19 -14.92 3.12 -12.02
N GLU A 20 -14.12 4.12 -12.42
CA GLU A 20 -13.06 4.62 -11.55
C GLU A 20 -13.64 5.25 -10.29
N GLU A 21 -14.68 6.08 -10.46
CA GLU A 21 -15.33 6.68 -9.29
C GLU A 21 -15.92 5.60 -8.40
N PHE A 22 -16.49 4.55 -9.00
CA PHE A 22 -17.02 3.44 -8.22
C PHE A 22 -15.93 2.73 -7.44
N GLU A 23 -14.77 2.53 -8.05
CA GLU A 23 -13.66 1.86 -7.36
C GLU A 23 -13.16 2.68 -6.19
N GLU A 24 -13.09 4.00 -6.36
CA GLU A 24 -12.67 4.85 -5.24
C GLU A 24 -13.70 4.82 -4.12
N LYS A 25 -14.99 4.81 -4.47
CA LYS A 25 -16.02 4.71 -3.44
C LYS A 25 -15.93 3.37 -2.71
N MET A 26 -15.60 2.30 -3.43
CA MET A 26 -15.45 1.00 -2.80
C MET A 26 -14.28 0.98 -1.83
N ASP A 27 -13.16 1.62 -2.21
CA ASP A 27 -12.03 1.72 -1.31
C ASP A 27 -12.41 2.48 -0.04
N GLN A 28 -13.12 3.60 -0.20
CA GLN A 28 -13.55 4.36 0.97
C GLN A 28 -14.45 3.53 1.87
N ILE A 29 -15.37 2.77 1.29
CA ILE A 29 -16.30 1.98 2.11
C ILE A 29 -15.57 0.86 2.84
N GLU A 30 -14.64 0.19 2.17
CA GLU A 30 -13.87 -0.86 2.85
C GLU A 30 -13.04 -0.28 4.00
N HIS A 31 -12.46 0.90 3.80
CA HIS A 31 -11.72 1.54 4.88
C HIS A 31 -12.64 1.89 6.05
N GLY A 32 -13.85 2.37 5.74
CA GLY A 32 -14.83 2.60 6.79
C GLY A 32 -15.20 1.33 7.51
N LEU A 33 -15.26 0.21 6.78
CA LEU A 33 -15.51 -1.08 7.40
C LEU A 33 -14.43 -1.43 8.41
N LEU A 34 -13.16 -1.22 8.06
CA LEU A 34 -12.08 -1.47 9.00
C LEU A 34 -12.22 -0.60 10.25
N MET A 35 -12.43 0.71 10.04
CA MET A 35 -12.61 1.62 11.17
C MET A 35 -13.76 1.17 12.07
N LEU A 36 -14.88 0.78 11.46
CA LEU A 36 -16.03 0.35 12.23
C LEU A 36 -15.77 -0.97 12.95
N SER A 37 -14.90 -1.83 12.41
CA SER A 37 -14.51 -3.03 13.14
C SER A 37 -13.74 -2.68 14.41
N GLU A 38 -12.79 -1.76 14.29
CA GLU A 38 -12.10 -1.27 15.49
C GLU A 38 -13.08 -0.68 16.50
N GLN A 39 -14.02 0.12 16.01
CA GLN A 39 -15.00 0.72 16.91
C GLN A 39 -15.94 -0.33 17.49
N TYR A 40 -16.18 -1.44 16.77
CA TYR A 40 -16.98 -2.53 17.32
C TYR A 40 -16.24 -3.23 18.46
N LYS A 41 -14.92 -3.39 18.33
CA LYS A 41 -14.14 -3.85 19.49
C LYS A 41 -14.34 -2.90 20.67
N GLU A 42 -14.22 -1.59 20.40
CA GLU A 42 -14.45 -0.60 21.45
C GLU A 42 -15.84 -0.74 22.07
N LEU A 43 -16.83 -1.09 21.25
CA LEU A 43 -18.20 -1.19 21.75
C LEU A 43 -18.44 -2.47 22.54
N GLU A 44 -17.80 -3.57 22.14
CA GLU A 44 -17.79 -4.76 22.99
C GLU A 44 -17.21 -4.42 24.35
N LYS A 45 -16.16 -3.59 24.38
CA LYS A 45 -15.57 -3.19 25.65
C LYS A 45 -16.53 -2.32 26.47
N THR A 46 -17.03 -1.25 25.88
CA THR A 46 -17.70 -0.17 26.63
C THR A 46 -19.21 -0.31 26.71
N LYS A 47 -19.86 -0.88 25.68
CA LYS A 47 -21.32 -0.96 25.61
C LYS A 47 -21.96 0.42 25.59
N SER A 48 -21.25 1.41 25.04
CA SER A 48 -21.82 2.75 24.88
C SER A 48 -22.91 2.76 23.80
N LYS A 49 -24.07 3.33 24.14
CA LYS A 49 -25.21 3.30 23.24
C LYS A 49 -25.05 4.27 22.08
N GLU A 50 -24.51 5.46 22.34
CA GLU A 50 -24.32 6.45 21.29
C GLU A 50 -23.40 5.91 20.19
N LEU A 51 -22.29 5.30 20.60
CA LEU A 51 -21.37 4.70 19.63
C LEU A 51 -22.07 3.59 18.84
N LYS A 52 -22.90 2.80 19.51
CA LYS A 52 -23.69 1.77 18.83
C LYS A 52 -24.54 2.37 17.71
N GLU A 53 -25.32 3.39 18.04
CA GLU A 53 -26.22 3.99 17.04
C GLU A 53 -25.42 4.66 15.91
N GLN A 54 -24.28 5.27 16.24
CA GLN A 54 -23.47 5.93 15.21
C GLN A 54 -22.89 4.91 14.24
N ILE A 55 -22.30 3.83 14.77
CA ILE A 55 -21.79 2.76 13.93
C ILE A 55 -22.89 2.21 13.04
N LEU A 56 -24.08 2.01 13.61
CA LEU A 56 -25.20 1.50 12.82
C LEU A 56 -25.56 2.46 11.69
N ARG A 57 -25.51 3.76 11.96
CA ARG A 57 -25.85 4.75 10.94
C ARG A 57 -24.87 4.69 9.77
N GLU A 58 -23.56 4.67 10.08
CA GLU A 58 -22.57 4.59 9.01
C GLU A 58 -22.69 3.28 8.23
N LEU A 59 -22.93 2.17 8.94
CA LEU A 59 -23.13 0.88 8.27
C LEU A 59 -24.32 0.96 7.31
N THR A 60 -25.41 1.59 7.73
CA THR A 60 -26.59 1.69 6.88
C THR A 60 -26.30 2.52 5.64
N ILE A 61 -25.62 3.66 5.80
CA ILE A 61 -25.28 4.49 4.65
C ILE A 61 -24.46 3.69 3.64
N ALA A 62 -23.42 3.00 4.12
CA ALA A 62 -22.60 2.18 3.24
C ALA A 62 -23.41 1.10 2.55
N GLU A 63 -24.29 0.42 3.31
CA GLU A 63 -25.08 -0.66 2.75
C GLU A 63 -26.03 -0.17 1.67
N ASN A 64 -26.59 1.03 1.85
CA ASN A 64 -27.52 1.56 0.84
C ASN A 64 -26.77 1.89 -0.44
N TYR A 65 -25.61 2.57 -0.32
CA TYR A 65 -24.81 2.81 -1.51
C TYR A 65 -24.47 1.50 -2.21
N LEU A 66 -24.10 0.48 -1.44
CA LEU A 66 -23.64 -0.76 -2.04
C LEU A 66 -24.79 -1.51 -2.71
N ARG A 67 -26.00 -1.44 -2.15
CA ARG A 67 -27.14 -2.07 -2.81
C ARG A 67 -27.45 -1.38 -4.15
N GLY A 68 -27.39 -0.05 -4.17
CA GLY A 68 -27.59 0.65 -5.43
C GLY A 68 -26.55 0.30 -6.46
N ALA A 69 -25.27 0.32 -6.04
CA ALA A 69 -24.18 -0.06 -6.93
C ALA A 69 -24.33 -1.49 -7.44
N LEU A 70 -24.74 -2.42 -6.57
CA LEU A 70 -24.93 -3.81 -6.99
C LEU A 70 -25.98 -3.91 -8.07
N LYS A 71 -27.14 -3.29 -7.86
CA LYS A 71 -28.19 -3.35 -8.88
C LYS A 71 -27.70 -2.77 -10.20
N PHE A 72 -27.07 -1.58 -10.15
CA PHE A 72 -26.54 -0.96 -11.36
C PHE A 72 -25.53 -1.87 -12.06
N MET A 73 -24.61 -2.47 -11.29
CA MET A 73 -23.56 -3.29 -11.89
C MET A 73 -24.13 -4.55 -12.52
N GLN A 74 -25.14 -5.15 -11.88
CA GLN A 74 -25.78 -6.32 -12.49
C GLN A 74 -26.48 -5.95 -13.79
N GLN A 75 -27.22 -4.83 -13.80
CA GLN A 75 -27.80 -4.35 -15.05
C GLN A 75 -26.73 -4.14 -16.12
N GLU A 76 -25.63 -3.47 -15.76
CA GLU A 76 -24.58 -3.20 -16.74
C GLU A 76 -23.93 -4.48 -17.23
N ALA A 77 -23.84 -5.50 -16.39
CA ALA A 77 -23.37 -6.80 -16.83
C ALA A 77 -24.39 -7.55 -17.65
N LYS A 78 -25.65 -7.10 -17.63
CA LYS A 78 -26.68 -7.64 -18.51
C LYS A 78 -26.78 -6.86 -19.83
N ARG A 79 -25.76 -6.09 -20.18
CA ARG A 79 -25.72 -5.42 -21.47
C ARG A 79 -25.22 -6.38 -22.54
N THR A 80 -25.68 -6.16 -23.76
CA THR A 80 -25.19 -6.93 -24.91
C THR A 80 -24.16 -6.18 -25.73
N ASP A 81 -23.98 -4.88 -25.48
CA ASP A 81 -22.97 -4.08 -26.16
C ASP A 81 -21.60 -4.27 -25.52
N LEU A 82 -21.38 -5.42 -24.86
CA LEU A 82 -20.21 -5.60 -24.02
C LEU A 82 -19.13 -6.38 -24.74
N ASN A 83 -17.88 -6.03 -24.44
CA ASN A 83 -16.72 -6.79 -24.88
C ASN A 83 -16.18 -7.59 -23.70
N MET A 84 -15.10 -8.33 -23.95
CA MET A 84 -14.56 -9.23 -22.93
C MET A 84 -14.07 -8.45 -21.71
N PHE A 85 -13.30 -7.39 -21.94
CA PHE A 85 -12.78 -6.59 -20.84
C PHE A 85 -13.93 -6.02 -20.01
N GLU A 86 -14.94 -5.46 -20.69
CA GLU A 86 -16.08 -4.87 -19.98
C GLU A 86 -16.88 -5.94 -19.23
N ARG A 87 -17.08 -7.09 -19.86
CA ARG A 87 -17.84 -8.17 -19.23
C ARG A 87 -17.16 -8.63 -17.94
N TYR A 88 -15.85 -8.89 -18.01
CA TYR A 88 -15.13 -9.30 -16.81
C TYR A 88 -15.08 -8.17 -15.77
N ASN A 89 -14.99 -6.92 -16.22
CA ASN A 89 -14.97 -5.81 -15.28
C ASN A 89 -16.28 -5.72 -14.51
N PHE A 90 -17.40 -5.84 -15.21
CA PHE A 90 -18.70 -5.79 -14.54
C PHE A 90 -18.90 -6.99 -13.63
N GLU A 91 -18.49 -8.19 -14.07
CA GLU A 91 -18.65 -9.36 -13.22
C GLU A 91 -17.82 -9.23 -11.94
N THR A 92 -16.58 -8.75 -12.08
CA THR A 92 -15.73 -8.54 -10.91
C THR A 92 -16.30 -7.48 -9.99
N ALA A 93 -16.84 -6.39 -10.56
CA ALA A 93 -17.48 -5.37 -9.73
C ALA A 93 -18.64 -5.94 -8.94
N VAL A 94 -19.51 -6.70 -9.61
CA VAL A 94 -20.64 -7.34 -8.93
C VAL A 94 -20.14 -8.21 -7.78
N SER A 95 -19.16 -9.07 -8.06
CA SER A 95 -18.67 -10.00 -7.04
C SER A 95 -18.07 -9.27 -5.84
N THR A 96 -17.25 -8.24 -6.10
CA THR A 96 -16.66 -7.50 -4.99
C THR A 96 -17.73 -6.76 -4.19
N ILE A 97 -18.78 -6.28 -4.86
CA ILE A 97 -19.89 -5.68 -4.11
C ILE A 97 -20.55 -6.72 -3.23
N GLU A 98 -20.73 -7.94 -3.74
CA GLU A 98 -21.30 -9.01 -2.92
C GLU A 98 -20.46 -9.23 -1.66
N ILE A 99 -19.14 -9.30 -1.84
CA ILE A 99 -18.25 -9.54 -0.70
C ILE A 99 -18.37 -8.41 0.33
N LEU A 100 -18.27 -7.16 -0.13
CA LEU A 100 -18.30 -6.04 0.80
C LEU A 100 -19.66 -5.94 1.50
N VAL A 101 -20.75 -6.21 0.77
CA VAL A 101 -22.08 -6.20 1.39
C VAL A 101 -22.18 -7.27 2.47
N LYS A 102 -21.67 -8.47 2.19
CA LYS A 102 -21.75 -9.54 3.20
C LYS A 102 -20.92 -9.19 4.44
N ASP A 103 -19.75 -8.60 4.23
CA ASP A 103 -18.94 -8.15 5.37
C ASP A 103 -19.68 -7.09 6.19
N LEU A 104 -20.28 -6.13 5.50
CA LEU A 104 -21.03 -5.07 6.20
C LEU A 104 -22.20 -5.65 6.98
N ALA A 105 -22.92 -6.60 6.38
CA ALA A 105 -24.05 -7.23 7.07
C ALA A 105 -23.59 -8.00 8.30
N GLU A 106 -22.48 -8.74 8.19
CA GLU A 106 -21.99 -9.48 9.35
C GLU A 106 -21.55 -8.53 10.46
N LEU A 107 -20.89 -7.43 10.10
CA LEU A 107 -20.51 -6.46 11.12
C LEU A 107 -21.75 -5.82 11.75
N ALA A 108 -22.78 -5.55 10.95
CA ALA A 108 -24.03 -5.03 11.49
C ALA A 108 -24.65 -6.00 12.48
N LYS A 109 -24.64 -7.30 12.17
CA LYS A 109 -25.15 -8.28 13.11
C LYS A 109 -24.34 -8.29 14.40
N LYS A 110 -23.01 -8.36 14.27
CA LYS A 110 -22.15 -8.40 15.45
C LYS A 110 -22.36 -7.17 16.33
N VAL A 111 -22.54 -6.01 15.71
CA VAL A 111 -22.70 -4.78 16.48
C VAL A 111 -24.09 -4.70 17.09
N LYS A 112 -25.12 -5.23 16.41
CA LYS A 112 -26.45 -5.30 16.99
C LYS A 112 -26.52 -6.26 18.17
N ALA A 113 -25.62 -7.25 18.23
CA ALA A 113 -25.70 -8.25 19.29
C ALA A 113 -25.50 -7.65 20.68
N VAL A 114 -24.81 -6.52 20.79
CA VAL A 114 -24.49 -5.95 22.09
C VAL A 114 -25.75 -5.34 22.70
N LYS A 115 -25.79 -5.28 24.03
CA LYS A 115 -26.99 -4.80 24.71
C LYS A 115 -27.22 -3.31 24.46
N SER A 116 -26.15 -2.53 24.45
CA SER A 116 -26.23 -1.07 24.31
C SER A 116 -27.06 -0.44 25.43
N GLU B 7 23.00 -0.95 13.55
CA GLU B 7 21.57 -0.77 13.34
C GLU B 7 20.84 -2.08 13.55
N ASP B 8 19.51 -2.02 13.57
CA ASP B 8 18.66 -3.14 14.00
C ASP B 8 19.05 -3.62 15.39
N LYS B 9 19.64 -2.73 16.19
CA LYS B 9 20.15 -3.05 17.52
C LYS B 9 19.03 -2.95 18.55
N TRP B 10 17.87 -3.53 18.25
CA TRP B 10 16.77 -3.60 19.19
C TRP B 10 17.16 -4.54 20.33
N ARG B 11 17.58 -3.97 21.45
CA ARG B 11 17.95 -4.74 22.64
C ARG B 11 16.75 -5.39 23.32
N ASN B 12 15.57 -5.27 22.72
CA ASN B 12 14.36 -5.82 23.33
C ASN B 12 13.39 -6.14 22.21
N ALA B 13 13.02 -7.42 22.11
CA ALA B 13 12.10 -7.84 21.06
C ALA B 13 10.74 -7.18 21.22
N PHE B 14 10.31 -6.98 22.47
CA PHE B 14 9.03 -6.34 22.73
C PHE B 14 8.99 -4.93 22.14
N ASP B 15 10.05 -4.15 22.38
CA ASP B 15 10.11 -2.80 21.84
C ASP B 15 10.17 -2.80 20.32
N HIS B 16 10.85 -3.78 19.73
CA HIS B 16 10.91 -3.88 18.27
C HIS B 16 9.53 -4.16 17.68
N MET B 17 8.82 -5.13 18.26
CA MET B 17 7.47 -5.44 17.80
C MET B 17 6.56 -4.24 17.98
N LEU B 18 6.69 -3.54 19.11
CA LEU B 18 5.88 -2.34 19.35
C LEU B 18 6.13 -1.28 18.29
N MET B 19 7.40 -1.01 17.99
CA MET B 19 7.73 -0.01 16.98
C MET B 19 7.22 -0.41 15.61
N GLU B 20 7.33 -1.69 15.26
CA GLU B 20 6.85 -2.16 13.97
C GLU B 20 5.35 -1.99 13.85
N GLU B 21 4.60 -2.40 14.88
CA GLU B 21 3.16 -2.24 14.86
C GLU B 21 2.75 -0.76 14.81
N PHE B 22 3.52 0.09 15.51
CA PHE B 22 3.23 1.52 15.44
C PHE B 22 3.45 2.05 14.03
N GLU B 23 4.49 1.58 13.34
CA GLU B 23 4.71 2.02 11.97
C GLU B 23 3.59 1.56 11.05
N GLU B 24 3.08 0.34 11.27
CA GLU B 24 1.96 -0.13 10.46
C GLU B 24 0.70 0.72 10.72
N LYS B 25 0.45 1.05 11.99
CA LYS B 25 -0.69 1.91 12.31
C LYS B 25 -0.52 3.30 11.69
N MET B 26 0.72 3.80 11.66
CA MET B 26 0.97 5.10 11.03
C MET B 26 0.70 5.05 9.54
N ASP B 27 1.10 3.95 8.88
CA ASP B 27 0.79 3.80 7.46
C ASP B 27 -0.73 3.79 7.25
N GLN B 28 -1.45 3.07 8.11
CA GLN B 28 -2.90 3.01 7.97
C GLN B 28 -3.53 4.37 8.20
N ILE B 29 -2.99 5.15 9.14
CA ILE B 29 -3.51 6.49 9.39
C ILE B 29 -3.27 7.40 8.19
N GLU B 30 -2.08 7.32 7.58
CA GLU B 30 -1.79 8.12 6.39
C GLU B 30 -2.72 7.75 5.24
N HIS B 31 -2.97 6.45 5.03
CA HIS B 31 -3.90 6.04 3.98
C HIS B 31 -5.31 6.52 4.28
N GLY B 32 -5.73 6.43 5.54
CA GLY B 32 -7.02 6.99 5.93
C GLY B 32 -7.11 8.48 5.71
N LEU B 33 -5.99 9.18 5.92
CA LEU B 33 -5.96 10.62 5.63
C LEU B 33 -6.21 10.89 4.15
N LEU B 34 -5.61 10.09 3.28
CA LEU B 34 -5.89 10.24 1.84
C LEU B 34 -7.38 9.99 1.55
N MET B 35 -7.92 8.91 2.12
CA MET B 35 -9.35 8.63 1.97
C MET B 35 -10.20 9.82 2.43
N LEU B 36 -9.85 10.39 3.58
CA LEU B 36 -10.60 11.51 4.13
C LEU B 36 -10.44 12.77 3.29
N SER B 37 -9.32 12.93 2.59
CA SER B 37 -9.19 14.05 1.67
C SER B 37 -10.18 13.90 0.51
N GLU B 38 -10.25 12.71 -0.06
CA GLU B 38 -11.25 12.45 -1.09
C GLU B 38 -12.66 12.72 -0.55
N GLN B 39 -12.94 12.25 0.66
CA GLN B 39 -14.26 12.45 1.26
C GLN B 39 -14.52 13.91 1.58
N TYR B 40 -13.48 14.69 1.85
CA TYR B 40 -13.63 16.13 2.06
C TYR B 40 -14.03 16.82 0.77
N LYS B 41 -13.45 16.39 -0.35
CA LYS B 41 -13.94 16.87 -1.65
C LYS B 41 -15.42 16.53 -1.82
N GLU B 42 -15.80 15.28 -1.54
CA GLU B 42 -17.20 14.89 -1.64
C GLU B 42 -18.08 15.72 -0.72
N LEU B 43 -17.57 16.09 0.46
CA LEU B 43 -18.36 16.85 1.42
C LEU B 43 -18.50 18.30 1.00
N GLU B 44 -17.46 18.86 0.38
CA GLU B 44 -17.61 20.16 -0.28
C GLU B 44 -18.74 20.09 -1.30
N LYS B 45 -18.83 18.98 -2.04
CA LYS B 45 -19.89 18.85 -3.03
C LYS B 45 -21.27 18.75 -2.40
N THR B 46 -21.46 17.82 -1.47
CA THR B 46 -22.80 17.48 -0.99
C THR B 46 -23.19 18.21 0.29
N LYS B 47 -22.23 18.48 1.17
CA LYS B 47 -22.48 19.15 2.46
C LYS B 47 -23.45 18.36 3.33
N SER B 48 -23.45 17.03 3.21
CA SER B 48 -24.22 16.20 4.11
C SER B 48 -23.62 16.24 5.51
N LYS B 49 -24.44 16.56 6.51
CA LYS B 49 -23.94 16.66 7.87
C LYS B 49 -23.40 15.34 8.39
N GLU B 50 -23.98 14.22 7.95
CA GLU B 50 -23.55 12.91 8.43
C GLU B 50 -22.13 12.61 7.97
N LEU B 51 -21.82 12.89 6.70
CA LEU B 51 -20.47 12.70 6.21
C LEU B 51 -19.48 13.63 6.93
N LYS B 52 -19.91 14.87 7.21
CA LYS B 52 -19.09 15.79 7.99
C LYS B 52 -18.72 15.19 9.35
N GLU B 53 -19.72 14.72 10.10
CA GLU B 53 -19.44 14.13 11.40
C GLU B 53 -18.61 12.87 11.27
N GLN B 54 -18.78 12.12 10.19
CA GLN B 54 -18.00 10.91 9.97
C GLN B 54 -16.52 11.24 9.81
N ILE B 55 -16.21 12.19 8.92
CA ILE B 55 -14.84 12.62 8.71
C ILE B 55 -14.24 13.16 9.99
N LEU B 56 -14.99 14.02 10.70
CA LEU B 56 -14.48 14.61 11.92
C LEU B 56 -14.21 13.56 13.00
N ARG B 57 -15.09 12.58 13.13
CA ARG B 57 -14.91 11.55 14.15
C ARG B 57 -13.70 10.68 13.84
N GLU B 58 -13.52 10.30 12.57
CA GLU B 58 -12.34 9.50 12.24
C GLU B 58 -11.06 10.29 12.45
N LEU B 59 -11.08 11.57 12.06
CA LEU B 59 -9.92 12.43 12.30
C LEU B 59 -9.61 12.53 13.79
N THR B 60 -10.63 12.67 14.63
CA THR B 60 -10.41 12.77 16.06
C THR B 60 -9.81 11.49 16.62
N ILE B 61 -10.33 10.33 16.22
CA ILE B 61 -9.77 9.06 16.68
C ILE B 61 -8.29 8.97 16.29
N ALA B 62 -7.99 9.24 15.03
CA ALA B 62 -6.60 9.16 14.57
C ALA B 62 -5.71 10.13 15.34
N GLU B 63 -6.17 11.37 15.53
CA GLU B 63 -5.35 12.37 16.21
C GLU B 63 -5.11 11.99 17.66
N ASN B 64 -6.12 11.41 18.33
CA ASN B 64 -5.93 11.01 19.72
C ASN B 64 -4.95 9.86 19.83
N TYR B 65 -5.08 8.86 18.96
CA TYR B 65 -4.08 7.79 18.95
C TYR B 65 -2.68 8.35 18.72
N LEU B 66 -2.55 9.29 17.78
CA LEU B 66 -1.23 9.79 17.43
C LEU B 66 -0.64 10.63 18.55
N ARG B 67 -1.47 11.41 19.26
CA ARG B 67 -0.97 12.16 20.40
C ARG B 67 -0.55 11.24 21.53
N GLY B 68 -1.30 10.16 21.76
CA GLY B 68 -0.88 9.17 22.75
C GLY B 68 0.44 8.54 22.38
N ALA B 69 0.57 8.15 21.11
CA ALA B 69 1.85 7.62 20.61
C ALA B 69 2.97 8.63 20.80
N LEU B 70 2.69 9.91 20.54
CA LEU B 70 3.69 10.96 20.73
C LEU B 70 4.17 11.01 22.18
N LYS B 71 3.22 11.00 23.12
CA LYS B 71 3.56 11.01 24.53
C LYS B 71 4.43 9.80 24.89
N PHE B 72 4.01 8.62 24.45
CA PHE B 72 4.80 7.41 24.68
C PHE B 72 6.20 7.53 24.09
N MET B 73 6.31 8.05 22.87
CA MET B 73 7.60 8.12 22.19
C MET B 73 8.53 9.09 22.88
N GLN B 74 8.01 10.22 23.35
CA GLN B 74 8.82 11.15 24.11
C GLN B 74 9.27 10.52 25.43
N GLN B 75 8.34 9.82 26.09
CA GLN B 75 8.67 9.10 27.31
C GLN B 75 9.85 8.15 27.07
N GLU B 76 9.78 7.38 25.97
CA GLU B 76 10.85 6.44 25.64
C GLU B 76 12.13 7.16 25.24
N ALA B 77 12.03 8.34 24.64
CA ALA B 77 13.20 9.13 24.30
C ALA B 77 13.85 9.78 25.50
N LYS B 78 13.17 9.82 26.64
CA LYS B 78 13.78 10.26 27.89
C LYS B 78 14.44 9.11 28.66
N ARG B 79 14.66 7.97 28.00
CA ARG B 79 15.30 6.84 28.64
C ARG B 79 16.83 6.95 28.61
N THR B 80 17.47 6.39 29.64
CA THR B 80 18.92 6.27 29.69
C THR B 80 19.42 4.88 29.34
N ASP B 81 18.53 3.89 29.26
CA ASP B 81 18.85 2.53 28.87
C ASP B 81 18.97 2.37 27.35
N LEU B 82 19.20 3.45 26.63
CA LEU B 82 19.09 3.48 25.18
C LEU B 82 20.46 3.51 24.51
N ASN B 83 20.51 2.91 23.32
CA ASN B 83 21.65 3.07 22.43
C ASN B 83 21.27 4.07 21.34
N MET B 84 22.21 4.35 20.43
CA MET B 84 21.97 5.38 19.42
C MET B 84 20.81 4.99 18.50
N PHE B 85 20.78 3.74 18.05
CA PHE B 85 19.71 3.27 17.17
C PHE B 85 18.35 3.45 17.80
N GLU B 86 18.18 3.00 19.04
CA GLU B 86 16.88 3.10 19.70
C GLU B 86 16.49 4.55 19.96
N ARG B 87 17.44 5.35 20.45
CA ARG B 87 17.13 6.74 20.77
C ARG B 87 16.68 7.50 19.53
N TYR B 88 17.44 7.38 18.43
CA TYR B 88 17.03 8.11 17.24
C TYR B 88 15.82 7.49 16.56
N ASN B 89 15.57 6.19 16.74
CA ASN B 89 14.32 5.60 16.29
C ASN B 89 13.14 6.27 16.99
N PHE B 90 13.24 6.46 18.31
CA PHE B 90 12.18 7.13 19.05
C PHE B 90 12.05 8.58 18.60
N GLU B 91 13.17 9.25 18.37
CA GLU B 91 13.13 10.66 17.97
C GLU B 91 12.49 10.83 16.58
N THR B 92 12.84 9.95 15.63
CA THR B 92 12.22 10.01 14.31
C THR B 92 10.73 9.73 14.41
N ALA B 93 10.34 8.79 15.28
CA ALA B 93 8.92 8.54 15.51
C ALA B 93 8.23 9.82 15.99
N VAL B 94 8.86 10.51 16.95
CA VAL B 94 8.30 11.76 17.46
C VAL B 94 8.09 12.76 16.32
N SER B 95 9.12 12.97 15.50
CA SER B 95 9.02 13.98 14.44
C SER B 95 7.93 13.63 13.44
N THR B 96 7.88 12.36 13.01
CA THR B 96 6.86 11.95 12.06
C THR B 96 5.46 12.07 12.65
N ILE B 97 5.31 11.81 13.95
CA ILE B 97 4.02 11.99 14.60
C ILE B 97 3.62 13.46 14.58
N GLU B 98 4.58 14.36 14.86
CA GLU B 98 4.26 15.79 14.79
C GLU B 98 3.74 16.16 13.40
N ILE B 99 4.42 15.68 12.36
CA ILE B 99 4.01 16.02 11.00
C ILE B 99 2.61 15.51 10.70
N LEU B 100 2.36 14.23 11.00
CA LEU B 100 1.05 13.64 10.70
C LEU B 100 -0.07 14.31 11.50
N VAL B 101 0.20 14.64 12.78
CA VAL B 101 -0.78 15.33 13.60
C VAL B 101 -1.10 16.70 13.01
N LYS B 102 -0.08 17.40 12.52
CA LYS B 102 -0.30 18.67 11.83
C LYS B 102 -1.26 18.50 10.65
N ASP B 103 -1.03 17.47 9.84
CA ASP B 103 -1.88 17.24 8.68
C ASP B 103 -3.32 16.95 9.09
N LEU B 104 -3.49 16.06 10.08
CA LEU B 104 -4.84 15.72 10.54
C LEU B 104 -5.55 16.95 11.09
N ALA B 105 -4.84 17.78 11.85
CA ALA B 105 -5.45 19.00 12.38
C ALA B 105 -5.88 19.93 11.27
N GLU B 106 -5.06 20.07 10.22
CA GLU B 106 -5.43 20.94 9.12
C GLU B 106 -6.67 20.43 8.39
N LEU B 107 -6.74 19.11 8.17
CA LEU B 107 -7.92 18.56 7.52
C LEU B 107 -9.16 18.70 8.41
N ALA B 108 -9.01 18.51 9.72
CA ALA B 108 -10.11 18.73 10.63
C ALA B 108 -10.60 20.17 10.57
N LYS B 109 -9.67 21.12 10.48
CA LYS B 109 -10.07 22.52 10.37
C LYS B 109 -10.82 22.78 9.07
N LYS B 110 -10.36 22.17 7.96
CA LYS B 110 -11.09 22.33 6.70
C LYS B 110 -12.48 21.72 6.77
N VAL B 111 -12.63 20.59 7.46
CA VAL B 111 -13.93 19.93 7.52
C VAL B 111 -14.88 20.67 8.46
N LYS B 112 -14.37 21.25 9.54
CA LYS B 112 -15.23 22.08 10.40
C LYS B 112 -15.69 23.34 9.67
N ALA B 113 -14.88 23.81 8.71
CA ALA B 113 -15.15 25.07 8.02
C ALA B 113 -16.38 25.00 7.13
N VAL B 114 -16.78 23.81 6.67
CA VAL B 114 -17.84 23.72 5.67
C VAL B 114 -19.19 24.04 6.31
N LYS B 115 -20.03 24.75 5.56
CA LYS B 115 -21.36 25.12 6.03
C LYS B 115 -22.27 23.91 5.85
N SER B 116 -22.51 23.18 6.93
CA SER B 116 -23.30 21.96 6.85
C SER B 116 -24.77 22.28 6.59
N ASP B 117 -25.42 21.40 5.83
CA ASP B 117 -26.81 21.59 5.44
C ASP B 117 -27.58 20.28 5.61
N ASP B 118 -27.38 19.62 6.74
CA ASP B 118 -28.07 18.37 7.10
C ASP B 118 -28.20 17.39 5.95
N LEU C 2 40.03 14.18 16.44
CA LEU C 2 39.54 12.90 16.92
C LEU C 2 40.62 11.82 16.86
N PRO C 3 40.85 11.16 17.99
CA PRO C 3 41.73 9.98 17.97
C PRO C 3 41.19 8.91 17.04
N ASP C 4 42.10 8.12 16.48
CA ASP C 4 41.73 7.11 15.50
C ASP C 4 40.69 6.12 16.04
N GLU C 5 40.67 5.90 17.36
CA GLU C 5 39.71 4.95 17.93
C GLU C 5 38.29 5.49 17.85
N GLU C 6 38.08 6.74 18.29
CA GLU C 6 36.75 7.31 18.20
C GLU C 6 36.37 7.61 16.76
N LYS C 7 37.37 7.92 15.91
CA LYS C 7 37.12 8.04 14.48
C LYS C 7 36.64 6.72 13.89
N LEU C 8 37.22 5.61 14.31
CA LEU C 8 36.78 4.30 13.84
C LEU C 8 35.37 3.99 14.32
N LYS C 9 35.06 4.32 15.58
CA LYS C 9 33.70 4.12 16.08
C LYS C 9 32.72 4.95 15.27
N LEU C 10 33.07 6.20 14.97
CA LEU C 10 32.20 7.07 14.18
C LEU C 10 32.01 6.52 12.78
N LEU C 11 33.07 5.98 12.18
CA LEU C 11 32.96 5.42 10.83
C LEU C 11 32.08 4.18 10.81
N ASP C 12 32.20 3.33 11.83
CA ASP C 12 31.33 2.15 11.92
C ASP C 12 29.88 2.56 12.05
N THR C 13 29.61 3.50 12.96
CA THR C 13 28.25 4.03 13.12
C THR C 13 27.72 4.58 11.80
N LEU C 14 28.55 5.37 11.11
CA LEU C 14 28.13 5.96 9.85
C LEU C 14 27.78 4.89 8.82
N LEU C 15 28.64 3.88 8.66
CA LEU C 15 28.38 2.84 7.68
C LEU C 15 27.09 2.08 7.99
N THR C 16 26.87 1.77 9.27
CA THR C 16 25.66 1.03 9.61
C THR C 16 24.42 1.90 9.38
N MET C 17 24.51 3.21 9.66
CA MET C 17 23.36 4.07 9.39
C MET C 17 23.14 4.27 7.90
N VAL C 18 24.20 4.20 7.09
CA VAL C 18 24.02 4.24 5.64
C VAL C 18 23.22 3.03 5.19
N GLU C 19 23.59 1.85 5.69
CA GLU C 19 22.84 0.65 5.34
C GLU C 19 21.39 0.74 5.78
N TRP C 20 21.15 1.24 7.00
CA TRP C 20 19.79 1.35 7.51
C TRP C 20 18.97 2.36 6.70
N VAL C 21 19.59 3.46 6.27
CA VAL C 21 18.87 4.46 5.48
C VAL C 21 18.54 3.90 4.10
N LYS C 22 19.46 3.13 3.52
CA LYS C 22 19.16 2.46 2.26
C LYS C 22 17.97 1.51 2.42
N GLU C 23 17.95 0.73 3.50
CA GLU C 23 16.84 -0.18 3.74
C GLU C 23 15.53 0.59 3.94
N LEU C 24 15.60 1.73 4.63
CA LEU C 24 14.39 2.52 4.85
C LEU C 24 13.87 3.13 3.55
N LEU C 25 14.78 3.55 2.67
CA LEU C 25 14.36 4.04 1.37
C LEU C 25 13.69 2.94 0.55
N GLU C 26 14.26 1.73 0.59
CA GLU C 26 13.61 0.61 -0.09
C GLU C 26 12.21 0.36 0.47
N GLU C 27 12.08 0.34 1.80
CA GLU C 27 10.77 0.09 2.41
C GLU C 27 9.77 1.19 2.06
N SER C 28 10.24 2.46 2.04
CA SER C 28 9.33 3.56 1.74
C SER C 28 8.87 3.50 0.28
N VAL C 29 9.76 3.11 -0.62
CA VAL C 29 9.35 2.95 -2.02
C VAL C 29 8.40 1.78 -2.17
N GLU C 30 8.66 0.67 -1.47
CA GLU C 30 7.85 -0.52 -1.64
C GLU C 30 6.43 -0.33 -1.08
N LYS C 31 6.33 0.17 0.15
CA LYS C 31 5.02 0.34 0.77
C LYS C 31 4.27 1.57 0.28
N ASN C 32 4.94 2.49 -0.43
CA ASN C 32 4.31 3.66 -1.02
C ASN C 32 3.67 4.53 0.07
N SER C 33 4.37 4.67 1.19
CA SER C 33 3.88 5.46 2.32
C SER C 33 4.76 6.68 2.48
N ARG C 34 4.12 7.85 2.60
CA ARG C 34 4.85 9.09 2.77
C ARG C 34 5.54 9.16 4.13
N MET C 35 4.96 8.54 5.16
CA MET C 35 5.57 8.57 6.48
C MET C 35 6.91 7.87 6.51
N ARG C 36 7.02 6.75 5.79
CA ARG C 36 8.32 6.07 5.69
C ARG C 36 9.33 6.92 4.93
N HIS C 37 8.89 7.61 3.87
CA HIS C 37 9.74 8.60 3.22
C HIS C 37 10.31 9.60 4.23
N ILE C 38 9.42 10.17 5.05
CA ILE C 38 9.82 11.17 6.03
C ILE C 38 10.81 10.57 7.04
N ARG C 39 10.53 9.35 7.50
CA ARG C 39 11.39 8.69 8.47
C ARG C 39 12.80 8.48 7.90
N ALA C 40 12.87 8.02 6.65
CA ALA C 40 14.16 7.82 6.01
C ALA C 40 14.91 9.15 5.85
N VAL C 41 14.18 10.21 5.49
CA VAL C 41 14.82 11.51 5.35
C VAL C 41 15.37 12.00 6.69
N MET C 42 14.65 11.74 7.78
CA MET C 42 15.13 12.13 9.10
C MET C 42 16.40 11.38 9.47
N TRP C 43 16.40 10.06 9.26
CA TRP C 43 17.62 9.28 9.47
C TRP C 43 18.77 9.82 8.63
N ALA C 44 18.50 10.19 7.38
CA ALA C 44 19.55 10.76 6.54
C ALA C 44 20.08 12.06 7.11
N GLU C 45 19.20 12.89 7.66
CA GLU C 45 19.63 14.15 8.27
C GLU C 45 20.56 13.90 9.46
N TYR C 46 20.20 12.92 10.31
CA TYR C 46 21.09 12.62 11.43
C TYR C 46 22.42 12.04 10.94
N MET C 47 22.37 11.21 9.91
CA MET C 47 23.60 10.66 9.34
C MET C 47 24.50 11.80 8.84
N LEU C 48 23.91 12.81 8.21
CA LEU C 48 24.69 13.95 7.75
C LEU C 48 25.32 14.70 8.92
N GLU C 49 24.54 14.93 9.98
CA GLU C 49 25.09 15.63 11.14
C GLU C 49 26.25 14.86 11.76
N ILE C 50 26.15 13.53 11.80
CA ILE C 50 27.25 12.74 12.35
C ILE C 50 28.45 12.75 11.40
N ALA C 51 28.21 12.65 10.10
CA ALA C 51 29.30 12.60 9.14
C ALA C 51 30.09 13.90 9.12
N ARG C 52 29.42 15.03 9.36
CA ARG C 52 30.12 16.31 9.31
C ARG C 52 31.12 16.48 10.44
N SER C 53 30.99 15.71 11.53
CA SER C 53 31.92 15.81 12.64
C SER C 53 33.27 15.19 12.32
N LEU C 54 33.38 14.42 11.25
CA LEU C 54 34.63 13.77 10.89
C LEU C 54 35.69 14.74 10.37
N GLU C 55 35.27 15.94 9.96
CA GLU C 55 36.17 16.98 9.42
C GLU C 55 37.07 16.44 8.31
N ASP C 56 36.60 15.43 7.58
CA ASP C 56 37.27 14.91 6.41
C ASP C 56 36.71 15.56 5.15
N GLU C 57 37.61 15.93 4.22
CA GLU C 57 37.20 16.71 3.06
C GLU C 57 36.22 15.95 2.18
N LYS C 58 36.55 14.71 1.82
CA LYS C 58 35.68 13.94 0.94
C LYS C 58 34.38 13.55 1.63
N ILE C 59 34.45 13.28 2.94
CA ILE C 59 33.24 12.98 3.70
C ILE C 59 32.32 14.19 3.71
N LEU C 60 32.89 15.37 3.98
CA LEU C 60 32.08 16.60 3.98
C LEU C 60 31.48 16.88 2.60
N GLU C 61 32.24 16.62 1.54
CA GLU C 61 31.73 16.87 0.20
C GLU C 61 30.58 15.95 -0.14
N ILE C 62 30.70 14.67 0.17
CA ILE C 62 29.61 13.74 -0.14
C ILE C 62 28.41 14.01 0.76
N ALA C 63 28.65 14.38 2.03
CA ALA C 63 27.56 14.82 2.89
C ALA C 63 26.83 16.01 2.29
N GLU C 64 27.57 16.97 1.74
CA GLU C 64 26.95 18.11 1.07
C GLU C 64 26.11 17.66 -0.12
N LYS C 65 26.65 16.73 -0.92
CA LYS C 65 25.89 16.19 -2.04
C LYS C 65 24.59 15.56 -1.56
N LEU C 66 24.66 14.77 -0.48
CA LEU C 66 23.48 14.09 0.04
C LEU C 66 22.44 15.09 0.54
N GLU C 67 22.89 16.07 1.33
CA GLU C 67 21.98 17.11 1.81
C GLU C 67 21.35 17.88 0.65
N LYS C 68 22.11 18.12 -0.42
CA LYS C 68 21.55 18.79 -1.58
C LYS C 68 20.51 17.91 -2.27
N ALA C 69 20.69 16.59 -2.22
CA ALA C 69 19.76 15.67 -2.85
C ALA C 69 18.49 15.42 -2.02
N LEU C 70 18.42 15.93 -0.78
CA LEU C 70 17.28 15.61 0.06
C LEU C 70 16.08 16.51 -0.27
N PRO C 71 14.88 15.94 -0.33
CA PRO C 71 13.64 16.72 -0.48
C PRO C 71 13.21 17.42 0.80
N GLU C 72 12.10 18.13 0.72
CA GLU C 72 11.44 18.59 1.94
C GLU C 72 10.77 17.40 2.60
N LYS C 73 10.67 17.46 3.93
CA LYS C 73 10.33 16.28 4.71
C LYS C 73 9.04 15.62 4.23
N SER C 74 7.95 16.38 4.21
CA SER C 74 6.66 15.78 3.89
C SER C 74 6.51 15.41 2.42
N LYS C 75 7.38 15.90 1.55
CA LYS C 75 7.28 15.56 0.13
C LYS C 75 7.87 14.18 -0.12
N MET C 76 7.15 13.36 -0.89
CA MET C 76 7.71 12.10 -1.34
C MET C 76 8.75 12.35 -2.44
N PHE C 77 9.55 11.34 -2.73
CA PHE C 77 10.62 11.47 -3.72
C PHE C 77 10.15 10.99 -5.08
N THR C 78 10.40 11.79 -6.11
CA THR C 78 10.19 11.35 -7.48
C THR C 78 11.18 10.23 -7.80
N LYS C 79 10.95 9.56 -8.93
CA LYS C 79 11.77 8.41 -9.29
C LYS C 79 13.24 8.80 -9.44
N GLU C 80 13.51 9.83 -10.25
CA GLU C 80 14.89 10.29 -10.42
C GLU C 80 15.49 10.76 -9.09
N GLU C 81 14.66 11.33 -8.22
CA GLU C 81 15.13 11.82 -6.93
C GLU C 81 15.54 10.66 -6.02
N TYR C 82 14.74 9.60 -5.97
CA TYR C 82 15.10 8.40 -5.22
C TYR C 82 16.36 7.75 -5.79
N GLU C 83 16.47 7.71 -7.12
CA GLU C 83 17.64 7.10 -7.74
C GLU C 83 18.91 7.89 -7.42
N LYS C 84 18.85 9.23 -7.49
CA LYS C 84 20.00 10.04 -7.11
C LYS C 84 20.33 9.85 -5.62
N LEU C 85 19.31 9.72 -4.77
CA LEU C 85 19.58 9.44 -3.36
C LEU C 85 20.35 8.14 -3.21
N MET C 86 19.92 7.08 -3.91
CA MET C 86 20.64 5.80 -3.87
C MET C 86 22.06 5.95 -4.39
N GLU C 87 22.25 6.74 -5.44
CA GLU C 87 23.58 6.97 -6.00
C GLU C 87 24.51 7.61 -4.97
N VAL C 88 24.09 8.75 -4.42
CA VAL C 88 24.89 9.44 -3.41
C VAL C 88 25.13 8.55 -2.20
N LEU C 89 24.16 7.70 -1.85
CA LEU C 89 24.34 6.81 -0.70
C LEU C 89 25.39 5.74 -0.97
N GLU C 90 25.39 5.17 -2.18
CA GLU C 90 26.43 4.21 -2.52
C GLU C 90 27.81 4.86 -2.56
N GLU C 91 27.88 6.09 -3.08
CA GLU C 91 29.15 6.82 -3.09
C GLU C 91 29.65 7.08 -1.67
N LEU C 92 28.76 7.54 -0.80
CA LEU C 92 29.11 7.76 0.60
C LEU C 92 29.56 6.47 1.27
N GLU C 93 28.88 5.36 0.96
CA GLU C 93 29.29 4.07 1.52
C GLU C 93 30.70 3.70 1.07
N GLU C 94 31.01 3.96 -0.19
CA GLU C 94 32.36 3.69 -0.69
C GLU C 94 33.40 4.50 0.07
N VAL C 95 33.20 5.81 0.18
CA VAL C 95 34.20 6.65 0.81
C VAL C 95 34.30 6.35 2.31
N LEU C 96 33.16 6.03 2.95
CA LEU C 96 33.20 5.67 4.36
C LEU C 96 33.95 4.37 4.58
N GLU C 97 33.79 3.41 3.67
CA GLU C 97 34.56 2.18 3.76
C GLU C 97 36.05 2.45 3.57
N GLU C 98 36.39 3.40 2.67
CA GLU C 98 37.79 3.78 2.49
C GLU C 98 38.37 4.33 3.79
N LYS C 99 37.64 5.24 4.44
CA LYS C 99 38.13 5.82 5.69
C LYS C 99 38.23 4.77 6.79
N LYS C 100 37.25 3.87 6.86
CA LYS C 100 37.31 2.76 7.79
C LYS C 100 38.57 1.93 7.59
N GLU C 101 38.87 1.59 6.34
CA GLU C 101 40.05 0.81 6.03
C GLU C 101 41.32 1.54 6.44
N GLU C 102 41.41 2.83 6.12
CA GLU C 102 42.64 3.55 6.44
C GLU C 102 42.83 3.70 7.95
N VAL C 103 41.74 3.89 8.70
CA VAL C 103 41.85 4.00 10.15
C VAL C 103 42.25 2.66 10.75
N GLU C 104 41.63 1.57 10.28
CA GLU C 104 42.01 0.24 10.78
C GLU C 104 43.46 -0.08 10.46
N GLU C 105 43.93 0.34 9.28
CA GLU C 105 45.35 0.16 8.95
C GLU C 105 46.24 0.95 9.89
N ARG C 106 45.85 2.20 10.19
CA ARG C 106 46.66 3.02 11.07
C ARG C 106 46.74 2.42 12.47
N ILE C 107 45.61 1.94 13.01
CA ILE C 107 45.60 1.38 14.35
C ILE C 107 46.42 0.09 14.43
N GLU C 108 46.49 -0.67 13.34
CA GLU C 108 47.25 -1.92 13.31
C GLU C 108 48.67 -1.70 12.78
N GLY C 109 49.36 -0.69 13.31
CA GLY C 109 50.72 -0.39 12.90
C GLY C 109 51.44 0.53 13.85
N LEU D 2 -10.57 -29.10 -29.28
CA LEU D 2 -10.47 -27.83 -29.98
C LEU D 2 -9.56 -27.93 -31.20
N PRO D 3 -10.08 -27.52 -32.36
CA PRO D 3 -9.21 -27.36 -33.53
C PRO D 3 -8.14 -26.31 -33.27
N ASP D 4 -7.02 -26.45 -33.96
CA ASP D 4 -5.88 -25.57 -33.73
C ASP D 4 -6.24 -24.10 -33.89
N GLU D 5 -7.23 -23.78 -34.72
CA GLU D 5 -7.62 -22.39 -34.92
C GLU D 5 -8.29 -21.83 -33.67
N GLU D 6 -9.22 -22.59 -33.08
CA GLU D 6 -9.87 -22.14 -31.86
C GLU D 6 -8.90 -22.19 -30.69
N LYS D 7 -7.94 -23.11 -30.72
CA LYS D 7 -6.85 -23.09 -29.73
C LYS D 7 -6.06 -21.80 -29.84
N LEU D 8 -5.78 -21.35 -31.06
CA LEU D 8 -5.05 -20.09 -31.25
C LEU D 8 -5.85 -18.91 -30.74
N LYS D 9 -7.16 -18.90 -31.01
CA LYS D 9 -8.01 -17.82 -30.49
C LYS D 9 -8.00 -17.78 -28.97
N LEU D 10 -8.12 -18.96 -28.35
CA LEU D 10 -8.07 -19.03 -26.89
C LEU D 10 -6.72 -18.57 -26.35
N LEU D 11 -5.65 -18.92 -27.06
CA LEU D 11 -4.32 -18.52 -26.63
C LEU D 11 -4.14 -17.01 -26.70
N ASP D 12 -4.69 -16.38 -27.75
CA ASP D 12 -4.63 -14.92 -27.84
C ASP D 12 -5.39 -14.28 -26.67
N THR D 13 -6.61 -14.77 -26.41
CA THR D 13 -7.37 -14.28 -25.27
C THR D 13 -6.61 -14.43 -23.96
N LEU D 14 -6.02 -15.62 -23.74
CA LEU D 14 -5.28 -15.89 -22.52
C LEU D 14 -4.09 -14.94 -22.38
N LEU D 15 -3.33 -14.76 -23.45
CA LEU D 15 -2.16 -13.88 -23.39
C LEU D 15 -2.58 -12.45 -23.07
N THR D 16 -3.70 -11.99 -23.61
CA THR D 16 -4.15 -10.63 -23.30
C THR D 16 -4.58 -10.52 -21.83
N MET D 17 -5.26 -11.53 -21.32
CA MET D 17 -5.70 -11.48 -19.94
C MET D 17 -4.54 -11.61 -18.96
N VAL D 18 -3.45 -12.27 -19.35
CA VAL D 18 -2.27 -12.32 -18.49
C VAL D 18 -1.73 -10.91 -18.24
N GLU D 19 -1.58 -10.12 -19.31
CA GLU D 19 -1.12 -8.75 -19.13
C GLU D 19 -2.13 -7.93 -18.34
N TRP D 20 -3.43 -8.14 -18.59
CA TRP D 20 -4.45 -7.43 -17.82
C TRP D 20 -4.31 -7.71 -16.33
N VAL D 21 -4.08 -8.98 -15.97
CA VAL D 21 -3.99 -9.35 -14.57
C VAL D 21 -2.70 -8.81 -13.94
N LYS D 22 -1.60 -8.81 -14.71
CA LYS D 22 -0.37 -8.18 -14.22
C LYS D 22 -0.59 -6.69 -13.94
N GLU D 23 -1.26 -6.01 -14.86
CA GLU D 23 -1.53 -4.59 -14.67
C GLU D 23 -2.40 -4.35 -13.44
N LEU D 24 -3.41 -5.20 -13.24
CA LEU D 24 -4.29 -5.04 -12.09
C LEU D 24 -3.56 -5.34 -10.79
N LEU D 25 -2.63 -6.31 -10.79
CA LEU D 25 -1.82 -6.58 -9.61
C LEU D 25 -0.94 -5.39 -9.28
N GLU D 26 -0.34 -4.78 -10.30
CA GLU D 26 0.48 -3.58 -10.08
C GLU D 26 -0.37 -2.46 -9.48
N GLU D 27 -1.57 -2.24 -10.04
CA GLU D 27 -2.43 -1.17 -9.54
C GLU D 27 -2.88 -1.44 -8.11
N SER D 28 -3.20 -2.70 -7.80
CA SER D 28 -3.62 -3.05 -6.45
C SER D 28 -2.48 -2.87 -5.44
N VAL D 29 -1.26 -3.20 -5.84
CA VAL D 29 -0.12 -2.99 -4.95
C VAL D 29 0.12 -1.50 -4.72
N GLU D 30 -0.01 -0.71 -5.79
CA GLU D 30 0.25 0.73 -5.65
C GLU D 30 -0.80 1.41 -4.78
N LYS D 31 -2.08 1.12 -5.02
CA LYS D 31 -3.13 1.78 -4.24
C LYS D 31 -3.30 1.19 -2.85
N ASN D 32 -2.75 0.01 -2.57
CA ASN D 32 -2.76 -0.58 -1.24
C ASN D 32 -4.19 -0.77 -0.73
N SER D 33 -5.07 -1.23 -1.61
CA SER D 33 -6.47 -1.45 -1.30
C SER D 33 -6.81 -2.94 -1.39
N ARG D 34 -7.50 -3.46 -0.38
CA ARG D 34 -7.87 -4.88 -0.38
C ARG D 34 -8.86 -5.20 -1.49
N MET D 35 -9.75 -4.26 -1.83
CA MET D 35 -10.74 -4.51 -2.88
C MET D 35 -10.07 -4.66 -4.24
N ARG D 36 -9.02 -3.88 -4.50
CA ARG D 36 -8.28 -4.02 -5.75
C ARG D 36 -7.59 -5.38 -5.82
N HIS D 37 -7.00 -5.82 -4.71
CA HIS D 37 -6.48 -7.18 -4.62
C HIS D 37 -7.53 -8.21 -4.99
N ILE D 38 -8.72 -8.09 -4.40
CA ILE D 38 -9.79 -9.04 -4.67
C ILE D 38 -10.16 -9.03 -6.15
N ARG D 39 -10.24 -7.85 -6.75
CA ARG D 39 -10.57 -7.75 -8.17
C ARG D 39 -9.52 -8.45 -9.03
N ALA D 40 -8.24 -8.21 -8.72
CA ALA D 40 -7.18 -8.84 -9.50
C ALA D 40 -7.20 -10.36 -9.35
N VAL D 41 -7.44 -10.86 -8.13
CA VAL D 41 -7.49 -12.30 -7.92
C VAL D 41 -8.68 -12.91 -8.68
N MET D 42 -9.81 -12.20 -8.73
CA MET D 42 -10.95 -12.69 -9.49
C MET D 42 -10.64 -12.76 -10.98
N TRP D 43 -10.02 -11.71 -11.52
CA TRP D 43 -9.59 -11.76 -12.92
C TRP D 43 -8.66 -12.95 -13.15
N ALA D 44 -7.76 -13.22 -12.20
CA ALA D 44 -6.88 -14.37 -12.32
C ALA D 44 -7.67 -15.68 -12.33
N GLU D 45 -8.70 -15.78 -11.48
CA GLU D 45 -9.52 -16.99 -11.45
C GLU D 45 -10.24 -17.20 -12.79
N TYR D 46 -10.75 -16.12 -13.37
CA TYR D 46 -11.37 -16.22 -14.69
C TYR D 46 -10.38 -16.70 -15.73
N MET D 47 -9.16 -16.13 -15.71
CA MET D 47 -8.13 -16.56 -16.65
C MET D 47 -7.80 -18.03 -16.46
N LEU D 48 -7.72 -18.49 -15.22
CA LEU D 48 -7.45 -19.90 -14.94
C LEU D 48 -8.56 -20.79 -15.49
N GLU D 49 -9.82 -20.38 -15.28
CA GLU D 49 -10.94 -21.15 -15.80
C GLU D 49 -10.87 -21.28 -17.32
N ILE D 50 -10.45 -20.21 -18.00
CA ILE D 50 -10.30 -20.29 -19.45
C ILE D 50 -9.10 -21.16 -19.82
N ALA D 51 -7.98 -21.02 -19.09
CA ALA D 51 -6.76 -21.73 -19.43
C ALA D 51 -6.92 -23.23 -19.27
N ARG D 52 -7.74 -23.69 -18.32
CA ARG D 52 -7.89 -25.12 -18.10
C ARG D 52 -8.58 -25.83 -19.26
N SER D 53 -9.33 -25.09 -20.10
CA SER D 53 -10.03 -25.72 -21.20
C SER D 53 -9.11 -26.16 -22.33
N LEU D 54 -7.87 -25.66 -22.35
CA LEU D 54 -6.94 -26.06 -23.41
C LEU D 54 -6.43 -27.48 -23.24
N GLU D 55 -6.57 -28.05 -22.04
CA GLU D 55 -6.14 -29.41 -21.75
C GLU D 55 -4.68 -29.65 -22.12
N ASP D 56 -3.86 -28.62 -22.03
CA ASP D 56 -2.42 -28.77 -22.23
C ASP D 56 -1.76 -29.02 -20.88
N GLU D 57 -0.86 -30.00 -20.84
CA GLU D 57 -0.31 -30.44 -19.56
C GLU D 57 0.51 -29.35 -18.89
N LYS D 58 1.41 -28.71 -19.63
CA LYS D 58 2.23 -27.66 -19.04
C LYS D 58 1.39 -26.45 -18.66
N ILE D 59 0.35 -26.16 -19.44
CA ILE D 59 -0.56 -25.07 -19.10
C ILE D 59 -1.29 -25.38 -17.80
N LEU D 60 -1.78 -26.62 -17.66
CA LEU D 60 -2.44 -27.00 -16.42
C LEU D 60 -1.48 -26.96 -15.23
N GLU D 61 -0.22 -27.33 -15.45
CA GLU D 61 0.77 -27.29 -14.38
C GLU D 61 1.00 -25.86 -13.90
N ILE D 62 1.18 -24.95 -14.85
CA ILE D 62 1.41 -23.55 -14.46
C ILE D 62 0.14 -22.94 -13.88
N ALA D 63 -1.04 -23.33 -14.37
CA ALA D 63 -2.29 -22.91 -13.75
C ALA D 63 -2.36 -23.35 -12.29
N GLU D 64 -1.96 -24.59 -12.01
CA GLU D 64 -1.92 -25.05 -10.62
C GLU D 64 -0.96 -24.22 -9.79
N LYS D 65 0.23 -23.93 -10.34
CA LYS D 65 1.17 -23.04 -9.65
C LYS D 65 0.53 -21.69 -9.36
N LEU D 66 -0.20 -21.14 -10.34
CA LEU D 66 -0.84 -19.84 -10.17
C LEU D 66 -1.90 -19.89 -9.07
N GLU D 67 -2.74 -20.94 -9.09
CA GLU D 67 -3.71 -21.12 -8.02
C GLU D 67 -3.03 -21.19 -6.66
N LYS D 68 -1.85 -21.82 -6.61
CA LYS D 68 -1.10 -21.84 -5.38
C LYS D 68 -0.59 -20.45 -4.99
N ALA D 69 -0.26 -19.62 -5.98
CA ALA D 69 0.25 -18.29 -5.71
C ALA D 69 -0.83 -17.28 -5.38
N LEU D 70 -2.10 -17.62 -5.55
CA LEU D 70 -3.20 -16.71 -5.26
C LEU D 70 -3.52 -16.74 -3.78
N PRO D 71 -3.84 -15.60 -3.17
CA PRO D 71 -4.23 -15.61 -1.76
C PRO D 71 -5.58 -16.28 -1.58
N GLU D 72 -5.93 -16.51 -0.31
CA GLU D 72 -7.22 -17.09 0.04
C GLU D 72 -8.30 -16.02 0.08
N LYS D 73 -9.34 -16.21 -0.74
CA LYS D 73 -10.57 -15.41 -0.67
C LYS D 73 -10.32 -13.92 -0.67
N SER D 74 -10.71 -13.26 0.43
CA SER D 74 -10.61 -11.82 0.62
C SER D 74 -9.24 -11.37 1.11
N LYS D 75 -8.35 -12.29 1.45
CA LYS D 75 -7.05 -11.92 1.98
C LYS D 75 -6.16 -11.30 0.91
N MET D 76 -5.47 -10.23 1.27
CA MET D 76 -4.50 -9.62 0.40
C MET D 76 -3.26 -10.51 0.28
N PHE D 77 -2.46 -10.25 -0.75
CA PHE D 77 -1.24 -11.00 -0.98
C PHE D 77 -0.06 -10.25 -0.40
N THR D 78 0.77 -10.96 0.38
CA THR D 78 1.99 -10.40 0.90
C THR D 78 2.98 -10.08 -0.23
N LYS D 79 4.04 -9.36 0.14
CA LYS D 79 5.01 -8.89 -0.85
C LYS D 79 5.65 -10.05 -1.60
N GLU D 80 6.22 -11.02 -0.87
CA GLU D 80 6.81 -12.18 -1.53
C GLU D 80 5.76 -12.94 -2.32
N GLU D 81 4.52 -12.97 -1.85
CA GLU D 81 3.46 -13.63 -2.58
C GLU D 81 3.16 -12.91 -3.89
N TYR D 82 3.14 -11.58 -3.86
CA TYR D 82 2.95 -10.80 -5.08
C TYR D 82 4.10 -11.03 -6.07
N GLU D 83 5.33 -11.10 -5.58
CA GLU D 83 6.47 -11.36 -6.45
C GLU D 83 6.38 -12.76 -7.06
N LYS D 84 6.00 -13.74 -6.25
CA LYS D 84 5.79 -15.10 -6.74
C LYS D 84 4.67 -15.12 -7.79
N LEU D 85 3.62 -14.33 -7.56
CA LEU D 85 2.52 -14.23 -8.52
C LEU D 85 3.00 -13.71 -9.86
N MET D 86 3.78 -12.62 -9.83
CA MET D 86 4.32 -12.09 -11.08
C MET D 86 5.24 -13.09 -11.76
N GLU D 87 6.03 -13.83 -10.97
CA GLU D 87 6.90 -14.86 -11.53
C GLU D 87 6.09 -15.92 -12.26
N VAL D 88 5.10 -16.51 -11.58
CA VAL D 88 4.25 -17.52 -12.20
C VAL D 88 3.51 -16.96 -13.40
N LEU D 89 3.16 -15.67 -13.37
CA LEU D 89 2.48 -15.08 -14.51
C LEU D 89 3.41 -14.97 -15.72
N GLU D 90 4.66 -14.59 -15.48
CA GLU D 90 5.64 -14.56 -16.58
C GLU D 90 5.88 -15.96 -17.13
N GLU D 91 5.92 -16.96 -16.25
CA GLU D 91 6.08 -18.34 -16.68
C GLU D 91 4.91 -18.79 -17.54
N LEU D 92 3.68 -18.47 -17.10
CA LEU D 92 2.49 -18.77 -17.89
C LEU D 92 2.53 -18.06 -19.23
N GLU D 93 3.00 -16.80 -19.25
CA GLU D 93 3.13 -16.09 -20.51
C GLU D 93 4.11 -16.78 -21.43
N GLU D 94 5.21 -17.29 -20.88
CA GLU D 94 6.18 -18.01 -21.69
C GLU D 94 5.56 -19.25 -22.32
N VAL D 95 4.90 -20.08 -21.51
CA VAL D 95 4.33 -21.31 -22.08
C VAL D 95 3.17 -21.01 -23.01
N LEU D 96 2.38 -19.96 -22.74
CA LEU D 96 1.30 -19.60 -23.64
C LEU D 96 1.83 -19.10 -24.98
N GLU D 97 2.91 -18.33 -24.96
CA GLU D 97 3.52 -17.89 -26.21
C GLU D 97 4.10 -19.07 -26.97
N GLU D 98 4.73 -20.01 -26.26
CA GLU D 98 5.25 -21.20 -26.91
C GLU D 98 4.13 -22.02 -27.54
N LYS D 99 3.02 -22.18 -26.84
CA LYS D 99 1.90 -22.96 -27.38
C LYS D 99 1.24 -22.24 -28.55
N LYS D 100 1.17 -20.91 -28.48
CA LYS D 100 0.66 -20.14 -29.62
C LYS D 100 1.55 -20.35 -30.85
N GLU D 101 2.87 -20.28 -30.66
CA GLU D 101 3.79 -20.51 -31.75
C GLU D 101 3.64 -21.93 -32.30
N GLU D 102 3.52 -22.92 -31.40
CA GLU D 102 3.43 -24.31 -31.82
C GLU D 102 2.12 -24.58 -32.58
N VAL D 103 1.03 -23.95 -32.15
CA VAL D 103 -0.25 -24.10 -32.85
C VAL D 103 -0.19 -23.44 -34.21
N GLU D 104 0.38 -22.23 -34.28
CA GLU D 104 0.53 -21.55 -35.57
C GLU D 104 1.40 -22.37 -36.51
N GLU D 105 2.43 -23.03 -36.00
CA GLU D 105 3.21 -23.95 -36.81
C GLU D 105 2.36 -25.12 -37.28
N ARG D 106 1.53 -25.66 -36.39
CA ARG D 106 0.68 -26.80 -36.74
C ARG D 106 -0.29 -26.47 -37.87
N ILE D 107 -0.91 -25.28 -37.82
CA ILE D 107 -1.89 -24.91 -38.84
C ILE D 107 -1.23 -24.78 -40.21
N GLU D 108 0.08 -24.56 -40.26
CA GLU D 108 0.80 -24.40 -41.52
C GLU D 108 1.26 -25.77 -42.01
N GLY D 109 0.95 -26.07 -43.27
CA GLY D 109 1.34 -27.33 -43.87
C GLY D 109 1.21 -27.36 -45.38
#